data_3FNT
#
_entry.id   3FNT
#
_cell.length_a   70.7
_cell.length_b   70.7
_cell.length_c   158.7
_cell.angle_alpha   90.00
_cell.angle_beta   90.00
_cell.angle_gamma   120.00
#
_symmetry.space_group_name_H-M   'P 32 2 1'
#
loop_
_entity.id
_entity.type
_entity.pdbx_description
1 polymer 'HAP protein'
2 polymer 'Inhibitor, (IVA)VV(STA)A(STA)'
3 non-polymer 1,2-ETHANEDIOL
4 water water
#
loop_
_entity_poly.entity_id
_entity_poly.type
_entity_poly.pdbx_seq_one_letter_code
_entity_poly.pdbx_strand_id
1 'polypeptide(L)'
;SYLGSEFDNVELKDLANVLSFGEAKLGDNGQKFNFLFHTASSNVWVPSIKCTSESCESKNHYDSSKSKTYEKDDTPVKLT
SKAGTISGIFSKDLVTIGKLSVPYKFIEMTEIVGFEPFYSESDVDGVFGLGWKDLSIGSIDPYIVELKTQNKIEQAVYSI
YLPPENKNKGYLTIGGIEERFFDGPLNYEKLNHDLMWQVDLDVHFGNVSSKKANVILDSATSVITVPTEFFNQFVESASV
FKVPFLSLYVTTCGNTKLPTLEYRSPNKVYTLEPKQYLEPLENIFSALCMLNIVPIDLEKNTFVLGDPFMRKYFTVYDYD
NHTVGFALAKNL
;
A
2 'polypeptide(L)' (IVA)VV(STA)A(STA) I
#
# COMPACT_ATOMS: atom_id res chain seq x y z
N ASP A 8 7.53 13.49 11.27
CA ASP A 8 9.00 12.97 11.02
C ASP A 8 9.02 11.72 10.11
N ASN A 9 10.22 11.26 9.75
CA ASN A 9 10.50 10.24 8.70
C ASN A 9 10.53 8.81 9.16
N VAL A 10 10.19 7.86 8.31
CA VAL A 10 10.50 6.41 8.59
C VAL A 10 11.14 5.76 7.35
N GLU A 11 12.06 4.74 7.57
CA GLU A 11 12.80 4.18 6.47
C GLU A 11 12.06 2.97 5.98
N LEU A 12 11.89 2.90 4.66
CA LEU A 12 11.26 1.78 4.00
C LEU A 12 12.30 1.03 3.24
N LYS A 13 12.16 -0.27 3.22
CA LYS A 13 13.04 -1.10 2.40
C LYS A 13 12.24 -1.95 1.45
N ASP A 14 12.99 -2.54 0.54
CA ASP A 14 12.40 -3.30 -0.49
C ASP A 14 12.11 -4.66 0.13
N LEU A 15 10.92 -5.20 -0.17
CA LEU A 15 10.61 -6.60 0.11
C LEU A 15 10.64 -7.57 -1.14
N ALA A 16 9.67 -7.44 -2.04
CA ALA A 16 9.66 -8.32 -3.21
C ALA A 16 9.03 -7.46 -4.29
N ASN A 17 9.86 -6.55 -4.77
CA ASN A 17 9.28 -5.46 -5.53
C ASN A 17 7.88 -4.97 -4.96
N VAL A 18 7.84 -4.84 -3.63
CA VAL A 18 6.92 -3.97 -2.91
C VAL A 18 7.73 -3.35 -1.76
N LEU A 19 8.32 -2.17 -2.14
CA LEU A 19 9.15 -1.42 -1.25
C LEU A 19 8.08 -0.68 -0.47
N SER A 20 7.53 -1.42 0.49
CA SER A 20 6.89 -0.76 1.63
C SER A 20 6.95 -1.79 2.78
N PHE A 21 8.11 -1.86 3.39
CA PHE A 21 8.12 -2.30 4.78
C PHE A 21 8.86 -1.31 5.68
N GLY A 22 8.49 -1.22 6.94
CA GLY A 22 9.11 -0.22 7.77
C GLY A 22 9.09 -0.76 9.15
N GLU A 23 9.78 -0.11 10.06
CA GLU A 23 9.70 -0.54 11.45
C GLU A 23 8.68 0.28 12.24
N ALA A 24 7.90 -0.39 13.09
CA ALA A 24 7.11 0.30 14.11
C ALA A 24 7.11 -0.46 15.46
N LYS A 25 6.94 0.25 16.58
CA LYS A 25 7.11 -0.40 17.87
C LYS A 25 5.83 -0.45 18.71
N LEU A 26 5.62 -1.57 19.40
CA LEU A 26 4.54 -1.67 20.37
C LEU A 26 5.03 -1.66 21.80
N GLY A 27 4.32 -0.94 22.67
CA GLY A 27 4.52 -1.06 24.12
C GLY A 27 5.65 -0.19 24.61
N ASP A 28 5.90 -0.23 25.93
CA ASP A 28 6.84 0.68 26.62
C ASP A 28 8.28 0.17 26.73
N ASN A 29 8.50 -0.95 26.03
CA ASN A 29 9.83 -1.46 25.69
C ASN A 29 9.89 -1.54 24.15
N GLY A 30 11.01 -2.02 23.60
CA GLY A 30 11.21 -2.12 22.13
C GLY A 30 10.65 -3.37 21.43
N GLN A 31 9.38 -3.26 20.98
CA GLN A 31 8.72 -4.38 20.37
C GLN A 31 8.59 -4.06 18.92
N LYS A 32 9.52 -4.63 18.15
CA LYS A 32 9.71 -4.30 16.75
C LYS A 32 8.97 -5.25 15.81
N PHE A 33 8.37 -4.66 14.77
CA PHE A 33 7.57 -5.37 13.78
C PHE A 33 7.83 -4.73 12.46
N ASN A 34 8.14 -5.59 11.50
CA ASN A 34 8.20 -5.21 10.12
C ASN A 34 6.80 -4.96 9.58
N PHE A 35 6.59 -3.71 9.20
CA PHE A 35 5.26 -3.25 8.87
C PHE A 35 5.03 -2.95 7.44
N LEU A 36 3.86 -3.39 7.01
CA LEU A 36 3.43 -3.04 5.74
C LEU A 36 2.47 -1.90 5.93
N PHE A 37 2.82 -0.73 5.39
CA PHE A 37 1.99 0.43 5.63
C PHE A 37 0.97 0.46 4.54
N HIS A 38 -0.17 -0.02 4.87
CA HIS A 38 -1.20 -0.18 3.91
C HIS A 38 -2.01 1.06 3.87
N THR A 39 -2.36 1.43 2.67
CA THR A 39 -3.17 2.57 2.52
C THR A 39 -4.63 2.16 2.47
N ALA A 40 -4.89 0.92 2.10
CA ALA A 40 -6.26 0.53 1.82
C ALA A 40 -6.75 -0.40 2.88
N SER A 41 -5.97 -0.57 3.92
CA SER A 41 -6.54 -1.36 4.97
C SER A 41 -6.69 -0.42 6.11
N SER A 42 -7.66 -0.71 6.98
CA SER A 42 -7.93 0.22 8.07
C SER A 42 -7.19 -0.08 9.39
N ASN A 43 -7.46 -1.22 10.01
CA ASN A 43 -6.86 -1.49 11.27
C ASN A 43 -5.48 -2.10 11.16
N VAL A 44 -4.53 -1.67 11.99
CA VAL A 44 -3.18 -2.26 12.07
C VAL A 44 -3.22 -3.51 12.94
N TRP A 45 -2.47 -4.54 12.56
CA TRP A 45 -2.42 -5.77 13.31
C TRP A 45 -1.03 -6.39 13.44
N VAL A 46 -0.83 -7.12 14.54
CA VAL A 46 0.46 -7.79 14.87
C VAL A 46 0.35 -9.25 15.31
N PRO A 47 1.33 -10.07 14.84
CA PRO A 47 1.57 -11.43 15.27
C PRO A 47 1.79 -11.52 16.78
N SER A 48 0.93 -12.26 17.48
CA SER A 48 1.05 -12.43 18.95
C SER A 48 2.07 -13.47 19.34
N ILE A 49 2.66 -13.31 20.53
CA ILE A 49 3.47 -14.38 21.13
C ILE A 49 2.62 -15.68 21.25
N LYS A 50 1.35 -15.49 21.63
CA LYS A 50 0.32 -16.53 21.69
C LYS A 50 -0.30 -16.81 20.29
N CYS A 51 0.37 -16.41 19.21
CA CYS A 51 -0.11 -16.81 17.89
C CYS A 51 0.30 -18.24 17.66
N THR A 52 -0.65 -19.06 17.25
CA THR A 52 -0.50 -20.53 17.26
C THR A 52 -0.48 -21.11 15.87
N SER A 53 -0.22 -20.24 14.92
CA SER A 53 -0.29 -20.64 13.55
C SER A 53 1.08 -21.05 13.01
N GLU A 54 1.05 -21.86 11.95
CA GLU A 54 2.23 -22.47 11.35
C GLU A 54 3.37 -21.48 11.05
N SER A 55 3.09 -20.42 10.26
CA SER A 55 4.08 -19.35 9.87
C SER A 55 4.52 -18.37 10.98
N CYS A 56 3.73 -18.30 12.06
CA CYS A 56 4.03 -17.47 13.24
C CYS A 56 5.40 -17.74 13.84
N GLU A 57 5.85 -18.98 13.64
CA GLU A 57 7.20 -19.47 14.00
C GLU A 57 8.31 -18.36 13.98
N SER A 58 8.50 -17.68 12.84
CA SER A 58 9.72 -16.91 12.62
C SER A 58 9.48 -15.44 12.64
N LYS A 59 8.21 -15.05 12.66
CA LYS A 59 7.82 -13.64 12.60
C LYS A 59 7.87 -12.99 13.98
N ASN A 60 8.03 -11.65 14.04
CA ASN A 60 8.22 -10.88 15.29
C ASN A 60 6.94 -10.78 16.13
N HIS A 61 7.09 -11.03 17.44
CA HIS A 61 5.96 -11.30 18.36
C HIS A 61 5.62 -10.15 19.29
N TYR A 62 4.34 -9.99 19.57
CA TYR A 62 3.90 -9.06 20.59
C TYR A 62 3.60 -9.80 21.87
N ASP A 63 4.28 -9.36 22.93
CA ASP A 63 4.13 -9.93 24.24
C ASP A 63 3.46 -8.86 25.07
N SER A 64 2.12 -8.94 25.15
CA SER A 64 1.27 -7.97 25.89
C SER A 64 1.71 -7.71 27.33
N SER A 65 2.29 -8.76 27.90
CA SER A 65 2.57 -8.87 29.29
C SER A 65 3.86 -8.18 29.68
N LYS A 66 4.85 -8.18 28.80
CA LYS A 66 6.14 -7.54 29.12
C LYS A 66 6.09 -6.01 28.93
N SER A 67 5.08 -5.57 28.17
CA SER A 67 4.79 -4.16 28.03
C SER A 67 3.62 -3.76 28.95
N LYS A 68 3.92 -2.94 29.96
CA LYS A 68 2.94 -2.66 31.02
C LYS A 68 1.86 -1.67 30.63
N THR A 69 1.92 -1.13 29.42
CA THR A 69 0.86 -0.24 28.98
C THR A 69 -0.36 -1.01 28.49
N TYR A 70 -0.24 -2.35 28.39
CA TYR A 70 -1.30 -3.14 27.80
C TYR A 70 -2.63 -2.79 28.43
N GLU A 71 -3.44 -2.00 27.74
CA GLU A 71 -4.85 -1.80 28.09
C GLU A 71 -5.69 -2.97 27.52
N LYS A 72 -6.07 -3.97 28.32
CA LYS A 72 -6.88 -5.11 27.81
C LYS A 72 -8.22 -4.73 27.14
N ASP A 73 -8.51 -5.48 26.09
CA ASP A 73 -9.76 -5.42 25.36
C ASP A 73 -10.11 -6.90 25.24
N ASP A 74 -9.12 -7.66 24.77
CA ASP A 74 -9.15 -9.12 24.71
C ASP A 74 -10.46 -9.66 24.07
N THR A 75 -11.10 -8.86 23.21
CA THR A 75 -12.32 -9.30 22.49
C THR A 75 -11.88 -9.84 21.16
N PRO A 76 -12.45 -10.99 20.75
CA PRO A 76 -12.14 -11.67 19.48
C PRO A 76 -12.49 -10.90 18.17
N VAL A 77 -11.55 -10.92 17.20
CA VAL A 77 -11.76 -10.30 15.88
C VAL A 77 -11.59 -11.27 14.71
N LYS A 78 -12.50 -11.19 13.73
CA LYS A 78 -12.57 -12.17 12.63
C LYS A 78 -12.17 -11.56 11.28
N LEU A 79 -10.88 -11.30 11.07
CA LEU A 79 -10.52 -10.52 9.90
C LEU A 79 -10.39 -11.45 8.72
N THR A 80 -11.52 -11.65 8.06
CA THR A 80 -11.61 -12.52 6.91
C THR A 80 -11.33 -11.64 5.71
N SER A 81 -10.08 -11.67 5.26
CA SER A 81 -9.71 -10.84 4.11
C SER A 81 -10.10 -11.52 2.78
N LYS A 82 -9.70 -10.84 1.69
CA LYS A 82 -9.86 -11.32 0.31
C LYS A 82 -9.08 -12.63 -0.08
N ALA A 83 -7.85 -12.74 0.42
CA ALA A 83 -6.98 -13.91 0.24
C ALA A 83 -7.29 -15.08 1.18
N GLY A 84 -7.44 -14.77 2.46
CA GLY A 84 -7.43 -15.76 3.50
C GLY A 84 -7.68 -15.06 4.80
N THR A 85 -7.57 -15.77 5.91
CA THR A 85 -8.21 -15.27 7.13
C THR A 85 -7.28 -14.96 8.26
N ILE A 86 -7.39 -13.75 8.77
CA ILE A 86 -6.69 -13.38 9.99
C ILE A 86 -7.67 -13.15 11.13
N SER A 87 -7.43 -13.89 12.23
CA SER A 87 -8.21 -13.76 13.48
C SER A 87 -7.32 -13.72 14.74
N GLY A 88 -7.70 -12.83 15.66
CA GLY A 88 -6.97 -12.63 16.88
C GLY A 88 -7.88 -11.94 17.86
N ILE A 89 -7.26 -11.15 18.72
CA ILE A 89 -7.93 -10.48 19.83
C ILE A 89 -7.49 -9.02 19.98
N PHE A 90 -8.45 -8.12 20.06
CA PHE A 90 -8.10 -6.73 20.15
C PHE A 90 -7.21 -6.49 21.33
N SER A 91 -6.26 -5.60 21.17
CA SER A 91 -5.46 -5.17 22.30
C SER A 91 -5.16 -3.69 22.18
N LYS A 92 -5.00 -3.01 23.33
CA LYS A 92 -4.61 -1.58 23.40
C LYS A 92 -3.21 -1.39 23.96
N ASP A 93 -2.45 -0.52 23.32
CA ASP A 93 -1.16 -0.16 23.85
C ASP A 93 -0.61 0.99 23.06
N LEU A 94 0.38 1.65 23.63
CA LEU A 94 1.32 2.47 22.87
C LEU A 94 1.90 1.91 21.53
N VAL A 95 1.74 2.70 20.47
CA VAL A 95 2.27 2.39 19.15
C VAL A 95 3.25 3.47 18.64
N THR A 96 4.47 3.06 18.32
CA THR A 96 5.54 4.03 18.18
C THR A 96 6.09 4.01 16.80
N ILE A 97 6.00 5.14 16.12
CA ILE A 97 6.81 5.34 14.93
C ILE A 97 7.77 6.49 15.19
N GLY A 98 9.05 6.15 15.27
CA GLY A 98 10.07 7.16 15.40
C GLY A 98 9.80 7.88 16.69
N LYS A 99 9.50 9.18 16.58
CA LYS A 99 9.27 10.04 17.75
C LYS A 99 7.82 10.01 18.27
N LEU A 100 6.98 9.22 17.62
CA LEU A 100 5.54 9.17 17.89
C LEU A 100 5.16 7.88 18.56
N SER A 101 4.35 8.01 19.61
CA SER A 101 3.92 6.91 20.45
C SER A 101 2.58 7.42 20.96
N VAL A 102 1.62 6.52 21.20
CA VAL A 102 0.29 6.99 21.60
C VAL A 102 -0.57 5.81 22.13
N PRO A 103 -1.64 6.12 22.89
CA PRO A 103 -2.70 5.14 23.17
C PRO A 103 -3.38 4.56 21.90
N TYR A 104 -3.06 3.30 21.52
CA TYR A 104 -3.69 2.67 20.32
C TYR A 104 -4.36 1.28 20.36
N LYS A 105 -5.62 1.23 19.94
CA LYS A 105 -6.37 -0.01 19.81
C LYS A 105 -6.02 -0.74 18.50
N PHE A 106 -5.24 -1.82 18.61
CA PHE A 106 -4.84 -2.65 17.46
C PHE A 106 -5.31 -4.14 17.55
N ILE A 107 -4.83 -5.01 16.65
CA ILE A 107 -5.12 -6.47 16.71
C ILE A 107 -3.95 -7.38 17.06
N GLU A 108 -4.12 -8.08 18.18
CA GLU A 108 -3.27 -9.20 18.62
C GLU A 108 -3.65 -10.42 17.82
N MET A 109 -2.78 -10.79 16.88
CA MET A 109 -3.12 -11.86 16.01
C MET A 109 -2.60 -13.18 16.53
N THR A 110 -3.51 -14.17 16.55
CA THR A 110 -3.22 -15.54 17.00
C THR A 110 -3.25 -16.61 15.90
N GLU A 111 -3.82 -16.24 14.75
CA GLU A 111 -4.16 -17.23 13.73
C GLU A 111 -4.48 -16.59 12.35
N ILE A 112 -3.74 -17.01 11.33
CA ILE A 112 -3.90 -16.62 9.91
C ILE A 112 -3.94 -17.84 9.07
N VAL A 113 -4.54 -17.76 7.91
CA VAL A 113 -4.55 -18.96 7.16
C VAL A 113 -4.12 -18.62 5.78
N GLY A 114 -5.02 -17.99 5.03
CA GLY A 114 -4.89 -17.92 3.58
C GLY A 114 -3.96 -16.92 2.93
N PHE A 115 -3.03 -16.40 3.73
CA PHE A 115 -2.19 -15.32 3.30
C PHE A 115 -0.86 -15.81 2.84
N GLU A 116 -0.55 -17.03 3.20
CA GLU A 116 0.47 -17.72 2.45
C GLU A 116 0.07 -17.93 0.95
N PRO A 117 1.04 -18.28 0.05
CA PRO A 117 2.46 -18.59 0.28
C PRO A 117 3.34 -17.36 0.47
N PHE A 118 2.72 -16.19 0.50
CA PHE A 118 3.44 -14.93 0.33
C PHE A 118 3.96 -14.34 1.63
N TYR A 119 3.35 -14.76 2.71
CA TYR A 119 3.60 -14.14 3.96
C TYR A 119 4.88 -14.66 4.52
N SER A 120 5.02 -15.97 4.48
CA SER A 120 6.03 -16.59 5.25
C SER A 120 7.37 -16.41 4.64
N GLU A 121 7.39 -16.22 3.35
CA GLU A 121 8.64 -16.07 2.64
C GLU A 121 9.23 -14.66 2.90
N SER A 122 8.33 -13.68 2.92
CA SER A 122 8.70 -12.32 3.11
C SER A 122 9.12 -12.05 4.52
N ASP A 123 9.76 -10.92 4.72
CA ASP A 123 10.14 -10.45 6.03
C ASP A 123 8.99 -9.75 6.75
N VAL A 124 7.93 -9.38 6.05
CA VAL A 124 6.91 -8.57 6.72
C VAL A 124 6.31 -9.34 7.87
N ASP A 125 6.01 -8.61 8.95
CA ASP A 125 5.36 -9.19 10.13
C ASP A 125 3.96 -8.69 10.24
N GLY A 126 3.79 -7.40 10.04
CA GLY A 126 2.54 -6.82 10.41
C GLY A 126 2.03 -5.88 9.36
N VAL A 127 0.71 -5.78 9.32
CA VAL A 127 0.00 -4.87 8.45
C VAL A 127 -0.41 -3.65 9.28
N PHE A 128 0.18 -2.51 8.92
CA PHE A 128 -0.14 -1.23 9.50
C PHE A 128 -1.28 -0.48 8.81
N GLY A 129 -2.52 -0.63 9.25
CA GLY A 129 -3.60 -0.02 8.48
C GLY A 129 -3.52 1.50 8.42
N LEU A 130 -3.53 2.14 7.24
CA LEU A 130 -3.53 3.64 7.17
C LEU A 130 -4.72 4.31 6.48
N GLY A 131 -5.90 3.73 6.75
CA GLY A 131 -7.08 3.86 5.89
C GLY A 131 -8.18 4.73 6.43
N TRP A 132 -9.41 4.21 6.46
CA TRP A 132 -10.53 5.01 6.97
C TRP A 132 -11.50 4.35 8.00
N LYS A 133 -12.40 5.14 8.55
CA LYS A 133 -13.14 4.69 9.70
C LYS A 133 -14.18 3.65 9.31
N ASP A 134 -14.76 3.85 8.11
CA ASP A 134 -15.86 2.99 7.62
C ASP A 134 -15.34 1.56 7.40
N LEU A 135 -14.22 1.48 6.66
CA LEU A 135 -13.36 0.25 6.56
C LEU A 135 -13.04 -0.29 8.02
N SER A 136 -12.85 0.64 8.98
CA SER A 136 -12.55 0.31 10.39
C SER A 136 -13.72 -0.40 11.11
N ILE A 137 -13.56 -1.73 11.28
CA ILE A 137 -14.37 -2.51 12.24
C ILE A 137 -13.77 -2.25 13.64
N GLY A 138 -14.65 -2.08 14.63
CA GLY A 138 -14.27 -1.52 15.92
C GLY A 138 -14.65 -0.04 15.97
N SER A 139 -15.04 0.49 14.78
CA SER A 139 -15.41 1.90 14.53
C SER A 139 -14.52 2.88 15.35
N ILE A 140 -13.20 2.76 15.07
CA ILE A 140 -12.08 3.51 15.70
C ILE A 140 -11.45 4.43 14.64
N ASP A 141 -11.19 5.70 14.99
CA ASP A 141 -10.36 6.60 14.18
C ASP A 141 -8.92 5.99 13.98
N PRO A 142 -8.28 6.24 12.82
CA PRO A 142 -6.93 5.65 12.57
C PRO A 142 -5.77 6.32 13.27
N TYR A 143 -4.72 5.55 13.49
CA TYR A 143 -3.54 6.07 14.09
C TYR A 143 -3.44 7.46 13.65
N ILE A 144 -3.35 7.65 12.35
CA ILE A 144 -2.96 8.94 11.84
C ILE A 144 -3.86 10.00 12.42
N VAL A 145 -5.16 9.71 12.51
CA VAL A 145 -6.14 10.70 13.00
C VAL A 145 -6.02 10.94 14.54
N GLU A 146 -5.54 9.94 15.27
CA GLU A 146 -5.44 10.07 16.71
C GLU A 146 -4.07 10.50 17.09
N LEU A 147 -3.68 11.64 16.55
CA LEU A 147 -2.41 12.23 16.89
C LEU A 147 -2.55 13.77 16.91
N LYS A 148 -3.56 14.23 16.15
CA LYS A 148 -3.97 15.64 16.11
C LYS A 148 -5.02 15.73 17.20
N THR A 149 -5.81 14.65 17.25
CA THR A 149 -6.75 14.40 18.33
C THR A 149 -5.97 14.43 19.63
N GLN A 150 -4.96 13.57 19.75
CA GLN A 150 -4.12 13.61 20.93
C GLN A 150 -2.73 14.17 20.55
N ASN A 151 -2.60 15.49 20.63
CA ASN A 151 -1.40 16.19 20.13
C ASN A 151 -0.05 15.56 20.47
N LYS A 152 0.52 15.00 19.40
CA LYS A 152 1.90 14.64 19.37
C LYS A 152 2.47 15.10 18.03
N ILE A 153 1.58 15.31 17.05
CA ILE A 153 1.90 16.17 15.89
C ILE A 153 0.71 17.02 15.39
N GLU A 154 1.02 17.94 14.48
CA GLU A 154 0.19 19.05 14.13
C GLU A 154 -0.98 18.80 13.17
N GLN A 155 -0.63 18.26 11.99
CA GLN A 155 -1.58 17.99 10.90
C GLN A 155 -1.54 16.54 10.48
N ALA A 156 -2.74 16.02 10.17
CA ALA A 156 -3.00 14.59 9.89
C ALA A 156 -2.73 14.13 8.43
N VAL A 157 -1.45 13.92 8.17
CA VAL A 157 -0.99 13.76 6.82
C VAL A 157 0.29 12.88 6.65
N TYR A 158 0.27 12.04 5.61
CA TYR A 158 1.37 11.16 5.36
C TYR A 158 1.73 11.15 3.91
N SER A 159 3.01 10.92 3.74
CA SER A 159 3.59 10.97 2.49
C SER A 159 4.48 9.78 2.38
N ILE A 160 4.41 9.18 1.20
CA ILE A 160 5.20 8.04 0.85
C ILE A 160 6.16 8.33 -0.28
N TYR A 161 7.45 8.17 0.03
CA TYR A 161 8.49 8.44 -0.95
C TYR A 161 9.18 7.17 -1.25
N LEU A 162 9.11 6.81 -2.54
CA LEU A 162 9.87 5.71 -3.18
C LEU A 162 10.84 6.25 -4.20
N PRO A 163 12.11 5.85 -4.10
CA PRO A 163 13.08 6.53 -4.94
C PRO A 163 12.97 6.04 -6.39
N PRO A 164 13.17 6.96 -7.38
CA PRO A 164 12.84 6.65 -8.80
C PRO A 164 13.86 5.72 -9.47
N GLU A 165 15.08 5.68 -8.93
CA GLU A 165 16.03 4.60 -9.24
C GLU A 165 15.89 3.69 -8.00
N ASN A 166 15.39 2.45 -8.24
CA ASN A 166 14.87 1.53 -7.18
C ASN A 166 15.98 0.91 -6.34
N LYS A 167 16.79 1.80 -5.79
CA LYS A 167 18.12 1.49 -5.24
C LYS A 167 18.34 2.07 -3.80
N ASN A 168 17.99 3.35 -3.61
CA ASN A 168 18.15 4.05 -2.30
C ASN A 168 17.05 3.68 -1.30
N LYS A 169 16.98 4.47 -0.23
CA LYS A 169 16.00 4.19 0.81
C LYS A 169 14.70 4.91 0.53
N GLY A 170 13.57 4.33 0.92
CA GLY A 170 12.28 5.00 0.72
C GLY A 170 11.75 5.53 2.05
N TYR A 171 10.85 6.51 2.01
CA TYR A 171 10.44 7.11 3.26
C TYR A 171 8.97 7.28 3.40
N LEU A 172 8.60 7.22 4.62
CA LEU A 172 7.27 7.62 4.90
C LEU A 172 7.31 8.66 6.00
N THR A 173 6.68 9.80 5.72
CA THR A 173 6.68 10.90 6.65
C THR A 173 5.32 11.14 7.20
N ILE A 174 5.34 11.62 8.40
CA ILE A 174 4.13 12.07 9.01
C ILE A 174 4.42 13.34 9.84
N GLY A 175 3.64 14.39 9.54
CA GLY A 175 3.84 15.79 10.03
C GLY A 175 3.43 16.84 8.99
N GLY A 176 4.43 17.29 8.21
CA GLY A 176 4.23 18.13 7.01
C GLY A 176 4.62 17.47 5.67
N ILE A 177 4.20 18.07 4.53
CA ILE A 177 4.79 17.80 3.20
C ILE A 177 6.30 18.12 3.21
N GLU A 178 7.14 17.10 3.12
CA GLU A 178 8.59 17.33 3.14
C GLU A 178 9.13 17.63 1.73
N GLU A 179 9.41 18.88 1.48
CA GLU A 179 9.59 19.35 0.11
C GLU A 179 10.80 18.79 -0.67
N ARG A 180 11.64 18.03 0.04
CA ARG A 180 12.93 17.57 -0.48
C ARG A 180 12.70 16.40 -1.43
N PHE A 181 11.44 15.96 -1.41
CA PHE A 181 10.91 14.71 -2.03
C PHE A 181 10.40 14.93 -3.46
N PHE A 182 9.44 15.84 -3.57
CA PHE A 182 8.78 16.09 -4.80
C PHE A 182 9.49 17.12 -5.66
N ASP A 183 8.86 17.40 -6.79
CA ASP A 183 9.48 18.11 -7.87
C ASP A 183 8.33 18.74 -8.64
N GLY A 184 8.42 20.03 -8.88
CA GLY A 184 7.30 20.73 -9.47
C GLY A 184 6.25 21.08 -8.42
N PRO A 185 5.01 21.44 -8.88
CA PRO A 185 3.93 21.72 -7.94
C PRO A 185 3.43 20.40 -7.39
N LEU A 186 2.87 20.43 -6.20
CA LEU A 186 2.27 19.24 -5.70
C LEU A 186 0.76 19.38 -5.92
N ASN A 187 0.08 18.31 -6.34
CA ASN A 187 -1.34 18.36 -6.70
C ASN A 187 -2.26 17.63 -5.85
N TYR A 188 -3.25 18.31 -5.36
CA TYR A 188 -4.16 17.57 -4.55
C TYR A 188 -5.19 17.09 -5.46
N GLU A 189 -5.81 15.97 -5.08
CA GLU A 189 -7.03 15.58 -5.74
C GLU A 189 -8.12 15.22 -4.75
N LYS A 190 -9.35 15.26 -5.26
CA LYS A 190 -10.57 15.10 -4.50
C LYS A 190 -11.17 13.71 -4.37
N LEU A 191 -11.17 13.17 -3.15
CA LEU A 191 -11.63 11.82 -2.90
C LEU A 191 -13.08 11.70 -3.22
N ASN A 192 -13.44 10.58 -3.81
CA ASN A 192 -14.82 10.29 -4.17
C ASN A 192 -15.46 9.27 -3.18
N HIS A 193 -14.66 8.83 -2.21
CA HIS A 193 -15.12 7.95 -1.13
C HIS A 193 -14.49 8.35 0.17
N ASP A 194 -15.19 8.04 1.26
CA ASP A 194 -14.61 8.25 2.55
C ASP A 194 -14.12 6.91 3.07
N LEU A 195 -14.11 5.91 2.16
CA LEU A 195 -13.78 4.51 2.45
C LEU A 195 -12.28 4.22 2.37
N MET A 196 -11.74 4.53 1.20
CA MET A 196 -10.30 4.48 1.00
C MET A 196 -9.81 5.74 0.27
N TRP A 197 -8.48 5.85 0.22
CA TRP A 197 -7.79 6.80 -0.60
C TRP A 197 -8.01 6.49 -2.12
N GLN A 198 -9.22 6.75 -2.61
CA GLN A 198 -9.58 6.57 -4.05
C GLN A 198 -10.04 7.83 -4.66
N VAL A 199 -9.96 7.92 -5.95
CA VAL A 199 -10.42 9.14 -6.54
C VAL A 199 -10.91 8.80 -7.90
N ASP A 200 -11.81 9.65 -8.37
CA ASP A 200 -12.46 9.40 -9.62
C ASP A 200 -11.72 10.05 -10.81
N LEU A 201 -11.09 9.24 -11.64
CA LEU A 201 -10.27 9.76 -12.71
C LEU A 201 -10.64 9.20 -14.06
N ASP A 202 -10.27 9.91 -15.13
CA ASP A 202 -10.31 9.33 -16.45
C ASP A 202 -8.96 8.72 -16.75
N VAL A 203 -8.98 7.55 -17.39
CA VAL A 203 -7.75 6.81 -17.58
C VAL A 203 -7.68 6.14 -18.94
N HIS A 204 -6.62 6.46 -19.67
CA HIS A 204 -6.40 5.98 -21.04
C HIS A 204 -5.16 5.13 -21.20
N PHE A 205 -5.28 4.06 -21.98
CA PHE A 205 -4.06 3.46 -22.53
C PHE A 205 -4.03 3.54 -24.06
N GLY A 206 -4.67 2.59 -24.72
CA GLY A 206 -4.66 2.57 -26.18
C GLY A 206 -5.76 3.52 -26.57
N ASN A 207 -6.51 3.14 -27.58
CA ASN A 207 -7.65 3.91 -27.92
C ASN A 207 -8.65 3.79 -26.85
N VAL A 208 -8.39 2.78 -26.03
CA VAL A 208 -9.26 2.43 -24.92
C VAL A 208 -9.16 3.48 -23.80
N SER A 209 -10.32 3.80 -23.25
CA SER A 209 -10.50 4.86 -22.29
C SER A 209 -11.70 4.48 -21.47
N SER A 210 -11.67 4.85 -20.20
CA SER A 210 -12.81 4.60 -19.37
C SER A 210 -13.08 5.85 -18.57
N LYS A 211 -13.95 6.71 -19.12
CA LYS A 211 -14.23 8.04 -18.54
C LYS A 211 -14.80 7.96 -17.10
N LYS A 212 -14.39 8.86 -16.20
CA LYS A 212 -14.83 8.82 -14.78
C LYS A 212 -14.77 7.40 -14.19
N ALA A 213 -13.58 6.85 -14.13
CA ALA A 213 -13.41 5.57 -13.46
C ALA A 213 -12.73 5.72 -12.11
N ASN A 214 -13.32 5.08 -11.10
CA ASN A 214 -12.80 5.17 -9.76
C ASN A 214 -11.41 4.46 -9.56
N VAL A 215 -10.46 5.15 -8.94
CA VAL A 215 -9.14 4.56 -8.76
C VAL A 215 -8.64 4.68 -7.34
N ILE A 216 -7.72 3.79 -6.97
CA ILE A 216 -7.30 3.68 -5.59
C ILE A 216 -5.84 3.58 -5.52
N LEU A 217 -5.27 4.38 -4.66
CA LEU A 217 -3.89 4.19 -4.30
C LEU A 217 -3.75 3.11 -3.32
N ASP A 218 -2.91 2.15 -3.67
CA ASP A 218 -2.61 0.98 -2.82
C ASP A 218 -1.11 0.60 -2.75
N SER A 219 -0.54 0.75 -1.55
CA SER A 219 0.89 0.57 -1.29
C SER A 219 1.18 -0.88 -1.00
N ALA A 220 0.08 -1.67 -0.87
CA ALA A 220 0.05 -3.09 -0.57
C ALA A 220 0.19 -3.94 -1.81
N THR A 221 -0.05 -3.29 -2.93
CA THR A 221 -0.10 -3.95 -4.20
C THR A 221 1.01 -3.51 -5.12
N SER A 222 1.64 -4.53 -5.72
CA SER A 222 2.84 -4.34 -6.50
C SER A 222 2.66 -4.21 -8.02
N VAL A 223 1.46 -3.92 -8.50
CA VAL A 223 1.21 -3.75 -9.92
C VAL A 223 0.14 -2.74 -10.19
N ILE A 224 0.17 -2.07 -11.30
CA ILE A 224 -1.01 -1.33 -11.67
C ILE A 224 -2.14 -2.20 -12.18
N THR A 225 -3.34 -1.97 -11.64
CA THR A 225 -4.52 -2.75 -12.00
C THR A 225 -5.48 -2.03 -12.82
N VAL A 226 -6.07 -2.80 -13.69
CA VAL A 226 -6.96 -2.31 -14.65
C VAL A 226 -8.08 -3.31 -14.85
N PRO A 227 -9.34 -2.85 -14.86
CA PRO A 227 -10.37 -3.73 -15.36
C PRO A 227 -10.04 -4.51 -16.64
N THR A 228 -10.68 -5.67 -16.68
CA THR A 228 -10.29 -6.81 -17.47
C THR A 228 -10.50 -6.51 -18.93
N GLU A 229 -11.65 -5.95 -19.20
CA GLU A 229 -12.00 -5.71 -20.57
C GLU A 229 -11.32 -4.45 -21.05
N PHE A 230 -10.79 -3.69 -20.10
CA PHE A 230 -9.91 -2.59 -20.46
C PHE A 230 -8.72 -3.27 -21.09
N PHE A 231 -8.21 -4.18 -20.28
CA PHE A 231 -7.00 -4.86 -20.54
C PHE A 231 -7.01 -5.48 -21.93
N ASN A 232 -7.95 -6.38 -22.14
CA ASN A 232 -7.97 -7.20 -23.33
C ASN A 232 -8.02 -6.43 -24.64
N GLN A 233 -8.58 -5.21 -24.56
CA GLN A 233 -8.96 -4.44 -25.76
C GLN A 233 -7.72 -3.89 -26.52
N PHE A 234 -6.74 -3.38 -25.78
CA PHE A 234 -5.51 -3.05 -26.46
C PHE A 234 -4.69 -4.33 -26.58
N VAL A 235 -4.63 -5.04 -25.45
CA VAL A 235 -3.74 -6.15 -25.29
C VAL A 235 -3.91 -7.23 -26.37
N GLU A 236 -5.13 -7.37 -26.90
CA GLU A 236 -5.37 -8.42 -27.85
C GLU A 236 -4.37 -8.37 -28.99
N SER A 237 -4.25 -7.18 -29.58
CA SER A 237 -3.36 -6.99 -30.70
C SER A 237 -2.00 -6.57 -30.18
N ALA A 238 -2.00 -6.01 -28.95
CA ALA A 238 -0.79 -5.67 -28.20
C ALA A 238 0.03 -6.91 -27.84
N SER A 239 0.59 -7.55 -28.87
CA SER A 239 1.16 -8.90 -28.75
C SER A 239 1.93 -9.00 -27.42
N VAL A 240 1.44 -9.89 -26.57
CA VAL A 240 1.93 -10.14 -25.22
C VAL A 240 1.68 -11.62 -24.93
N PHE A 241 2.37 -12.16 -23.93
CA PHE A 241 2.27 -13.60 -23.63
C PHE A 241 1.93 -13.91 -22.17
N LYS A 242 2.16 -15.17 -21.76
CA LYS A 242 1.72 -15.66 -20.45
C LYS A 242 2.58 -16.81 -19.89
N VAL A 243 2.49 -17.01 -18.56
CA VAL A 243 2.79 -18.28 -17.90
C VAL A 243 1.45 -18.99 -17.85
N PRO A 244 1.18 -19.90 -18.83
CA PRO A 244 -0.14 -20.51 -19.20
C PRO A 244 -1.17 -20.92 -18.07
N PHE A 245 -2.31 -20.20 -18.03
CA PHE A 245 -3.37 -20.20 -16.94
C PHE A 245 -2.78 -19.87 -15.53
N LEU A 246 -1.80 -18.93 -15.48
CA LEU A 246 -1.21 -18.40 -14.22
C LEU A 246 -0.77 -17.01 -14.48
N SER A 247 -1.23 -16.14 -13.60
CA SER A 247 -1.26 -14.69 -13.87
C SER A 247 0.12 -14.01 -13.94
N LEU A 248 0.71 -14.02 -15.13
CA LEU A 248 1.99 -13.40 -15.36
C LEU A 248 1.88 -12.95 -16.79
N TYR A 249 2.41 -11.79 -17.17
CA TYR A 249 2.24 -11.36 -18.56
C TYR A 249 3.46 -10.70 -19.15
N VAL A 250 3.71 -10.89 -20.45
CA VAL A 250 5.06 -10.63 -20.98
C VAL A 250 5.20 -10.15 -22.42
N THR A 251 6.18 -9.25 -22.58
CA THR A 251 6.67 -8.80 -23.88
C THR A 251 8.06 -8.21 -23.78
N THR A 252 8.50 -7.71 -24.93
CA THR A 252 9.80 -7.10 -25.15
C THR A 252 10.02 -6.00 -24.18
N CYS A 253 11.28 -5.83 -23.77
CA CYS A 253 11.70 -4.63 -23.08
C CYS A 253 11.95 -3.56 -24.11
N GLY A 254 12.29 -3.97 -25.33
CA GLY A 254 12.47 -2.99 -26.39
C GLY A 254 11.21 -2.63 -27.16
N ASN A 255 10.09 -2.48 -26.49
CA ASN A 255 8.78 -2.39 -27.14
C ASN A 255 8.23 -0.99 -27.48
N THR A 256 7.91 -0.74 -28.75
CA THR A 256 7.36 0.58 -29.20
C THR A 256 5.81 0.70 -29.06
N LYS A 257 5.09 -0.38 -29.42
CA LYS A 257 3.59 -0.42 -29.62
C LYS A 257 2.83 0.13 -28.43
N LEU A 258 3.59 0.14 -27.34
CA LEU A 258 3.15 0.33 -26.01
C LEU A 258 2.88 1.77 -25.72
N PRO A 259 1.73 1.99 -25.08
CA PRO A 259 1.13 3.26 -24.71
C PRO A 259 1.60 3.76 -23.37
N THR A 260 1.33 5.03 -23.07
CA THR A 260 1.62 5.60 -21.78
C THR A 260 0.37 5.54 -20.91
N LEU A 261 0.53 5.07 -19.69
CA LEU A 261 -0.61 5.00 -18.83
C LEU A 261 -1.04 6.37 -18.52
N GLU A 262 -2.16 6.76 -19.07
CA GLU A 262 -2.52 8.12 -18.90
C GLU A 262 -3.57 8.19 -17.79
N TYR A 263 -3.28 8.84 -16.66
CA TYR A 263 -4.30 8.98 -15.59
C TYR A 263 -4.81 10.41 -15.35
N ARG A 264 -5.87 10.82 -16.07
CA ARG A 264 -6.21 12.30 -16.30
C ARG A 264 -7.27 12.87 -15.37
N SER A 265 -7.15 14.15 -15.04
CA SER A 265 -8.02 14.84 -14.08
C SER A 265 -8.04 16.30 -14.41
N PRO A 266 -9.12 16.99 -14.02
CA PRO A 266 -9.26 18.41 -14.35
C PRO A 266 -8.11 19.34 -13.86
N ASN A 267 -7.08 18.76 -13.25
CA ASN A 267 -5.93 19.55 -12.81
C ASN A 267 -4.68 19.25 -13.63
N LYS A 268 -4.17 18.01 -13.43
CA LYS A 268 -2.91 17.52 -13.98
C LYS A 268 -3.03 16.06 -14.18
N VAL A 269 -2.58 15.64 -15.35
CA VAL A 269 -2.45 14.24 -15.76
C VAL A 269 -1.25 13.46 -15.18
N TYR A 270 -1.47 12.18 -14.89
CA TYR A 270 -0.40 11.40 -14.36
C TYR A 270 -0.20 10.27 -15.29
N THR A 271 0.98 10.30 -15.88
CA THR A 271 1.30 9.44 -16.96
C THR A 271 2.34 8.48 -16.52
N LEU A 272 2.10 7.26 -16.95
CA LEU A 272 3.11 6.24 -16.91
C LEU A 272 3.61 5.68 -18.28
N GLU A 273 4.90 5.84 -18.44
CA GLU A 273 5.57 5.50 -19.63
C GLU A 273 5.81 4.02 -19.58
N PRO A 274 5.78 3.41 -20.75
CA PRO A 274 6.16 2.02 -20.94
C PRO A 274 7.36 1.65 -20.12
N LYS A 275 8.36 2.51 -20.10
CA LYS A 275 9.59 2.22 -19.40
C LYS A 275 9.34 2.06 -17.91
N GLN A 276 8.15 2.39 -17.46
CA GLN A 276 7.93 2.40 -16.03
C GLN A 276 7.12 1.26 -15.45
N TYR A 277 6.35 0.57 -16.30
CA TYR A 277 5.50 -0.57 -15.91
C TYR A 277 5.90 -1.81 -16.60
N LEU A 278 7.19 -1.94 -16.80
CA LEU A 278 7.78 -3.10 -17.36
C LEU A 278 8.99 -3.47 -16.50
N GLU A 279 9.20 -4.75 -16.20
CA GLU A 279 10.46 -5.09 -15.58
C GLU A 279 11.13 -6.25 -16.28
N PRO A 280 12.41 -6.04 -16.66
CA PRO A 280 13.26 -7.00 -17.39
C PRO A 280 13.44 -8.32 -16.63
N LEU A 281 13.83 -9.38 -17.32
CA LEU A 281 13.71 -10.71 -16.72
C LEU A 281 15.01 -11.48 -16.67
N GLU A 282 15.78 -11.37 -17.77
CA GLU A 282 17.14 -11.97 -17.88
C GLU A 282 18.21 -11.20 -17.03
N ASN A 283 17.75 -10.59 -15.92
CA ASN A 283 18.46 -9.56 -15.08
C ASN A 283 18.99 -8.34 -15.94
N ILE A 284 20.30 -8.03 -15.85
CA ILE A 284 20.97 -7.03 -16.74
C ILE A 284 21.05 -7.55 -18.24
N PHE A 285 20.85 -6.64 -19.22
CA PHE A 285 20.99 -6.89 -20.71
C PHE A 285 19.92 -7.88 -21.33
N SER A 286 18.71 -7.80 -20.78
CA SER A 286 17.56 -8.68 -21.05
C SER A 286 16.77 -8.16 -22.21
N ALA A 287 16.25 -9.08 -23.00
CA ALA A 287 15.34 -8.71 -24.07
C ALA A 287 13.92 -8.58 -23.54
N LEU A 288 13.69 -9.13 -22.34
CA LEU A 288 12.34 -9.56 -21.89
C LEU A 288 11.73 -9.02 -20.61
N CYS A 289 10.48 -8.56 -20.72
CA CYS A 289 9.91 -7.77 -19.67
C CYS A 289 8.51 -8.22 -19.32
N MET A 290 8.15 -8.01 -18.06
CA MET A 290 6.83 -8.29 -17.49
C MET A 290 6.10 -7.04 -17.09
N LEU A 291 4.89 -6.83 -17.59
CA LEU A 291 4.13 -5.62 -17.23
C LEU A 291 3.73 -5.67 -15.83
N ASN A 292 3.43 -4.53 -15.27
CA ASN A 292 2.99 -4.53 -13.91
C ASN A 292 1.60 -4.25 -14.00
N ILE A 293 0.97 -4.89 -14.93
CA ILE A 293 -0.40 -4.64 -15.04
C ILE A 293 -1.13 -5.96 -15.08
N VAL A 294 -2.04 -6.12 -14.15
CA VAL A 294 -2.78 -7.32 -14.15
C VAL A 294 -4.22 -6.89 -14.30
N PRO A 295 -4.99 -7.65 -15.05
CA PRO A 295 -6.37 -7.30 -15.23
C PRO A 295 -7.22 -7.83 -14.08
N ILE A 296 -8.06 -6.96 -13.55
CA ILE A 296 -8.81 -7.30 -12.36
C ILE A 296 -10.10 -6.43 -12.25
N ASP A 297 -11.26 -7.07 -12.05
CA ASP A 297 -12.48 -6.33 -11.66
C ASP A 297 -12.71 -6.51 -10.18
N LEU A 298 -12.14 -5.57 -9.42
CA LEU A 298 -12.36 -5.44 -7.98
C LEU A 298 -13.79 -5.07 -7.70
N GLU A 299 -14.38 -4.36 -8.65
CA GLU A 299 -15.57 -3.58 -8.41
C GLU A 299 -15.82 -2.83 -9.70
N LYS A 300 -16.59 -1.76 -9.58
CA LYS A 300 -17.01 -1.05 -10.76
C LYS A 300 -15.95 -0.10 -11.24
N ASN A 301 -15.53 -0.29 -12.49
CA ASN A 301 -14.57 0.61 -13.12
C ASN A 301 -13.55 0.95 -12.11
N THR A 302 -12.98 -0.08 -11.50
CA THR A 302 -11.95 0.22 -10.53
C THR A 302 -10.57 -0.17 -10.97
N PHE A 303 -9.76 0.88 -11.12
CA PHE A 303 -8.35 0.71 -11.28
C PHE A 303 -7.63 0.82 -9.96
N VAL A 304 -6.40 0.32 -9.94
CA VAL A 304 -5.62 0.41 -8.74
C VAL A 304 -4.21 0.83 -9.06
N LEU A 305 -3.65 1.70 -8.23
CA LEU A 305 -2.29 2.13 -8.37
C LEU A 305 -1.46 1.66 -7.21
N GLY A 306 -0.51 0.78 -7.49
CA GLY A 306 0.38 0.19 -6.49
C GLY A 306 1.78 0.68 -6.69
N ASP A 307 2.75 -0.17 -6.36
CA ASP A 307 4.09 0.30 -6.17
C ASP A 307 4.67 1.05 -7.30
N PRO A 308 4.63 0.46 -8.49
CA PRO A 308 5.20 1.10 -9.70
C PRO A 308 4.75 2.55 -9.88
N PHE A 309 3.54 2.84 -9.42
CA PHE A 309 3.02 4.19 -9.47
C PHE A 309 3.70 5.08 -8.51
N MET A 310 3.67 4.66 -7.28
CA MET A 310 4.37 5.37 -6.25
C MET A 310 5.88 5.48 -6.56
N ARG A 311 6.34 4.66 -7.50
CA ARG A 311 7.73 4.57 -7.77
C ARG A 311 8.12 5.73 -8.64
N LYS A 312 7.12 6.45 -9.18
CA LYS A 312 7.35 7.72 -9.99
C LYS A 312 6.72 8.88 -9.34
N TYR A 313 5.45 8.75 -9.07
CA TYR A 313 4.77 9.88 -8.50
C TYR A 313 4.91 9.82 -6.99
N PHE A 314 5.49 10.83 -6.35
CA PHE A 314 5.42 10.91 -4.90
C PHE A 314 4.01 11.26 -4.36
N THR A 315 3.54 10.41 -3.45
CA THR A 315 2.19 10.48 -2.97
C THR A 315 2.05 10.94 -1.56
N VAL A 316 1.05 11.78 -1.36
CA VAL A 316 0.77 12.26 -0.04
C VAL A 316 -0.67 12.17 0.29
N TYR A 317 -0.92 11.84 1.55
CA TYR A 317 -2.26 11.51 1.96
C TYR A 317 -2.83 12.33 3.14
N ASP A 318 -3.86 13.13 2.83
CA ASP A 318 -4.40 14.18 3.73
C ASP A 318 -5.81 13.97 4.22
N TYR A 319 -5.86 13.49 5.47
CA TYR A 319 -7.09 13.37 6.25
C TYR A 319 -7.62 14.76 6.51
N ASP A 320 -6.73 15.70 6.85
CA ASP A 320 -7.16 17.05 7.15
C ASP A 320 -7.81 17.73 5.93
N ASN A 321 -7.49 17.25 4.72
CA ASN A 321 -8.12 17.85 3.57
C ASN A 321 -8.96 16.93 2.71
N HIS A 322 -8.99 15.63 3.03
CA HIS A 322 -9.65 14.64 2.16
C HIS A 322 -9.00 14.72 0.81
N THR A 323 -7.71 15.06 0.80
CA THR A 323 -6.94 15.31 -0.45
C THR A 323 -5.80 14.28 -0.66
N VAL A 324 -5.32 14.14 -1.90
CA VAL A 324 -4.14 13.29 -2.09
C VAL A 324 -3.03 13.97 -2.83
N GLY A 325 -1.82 13.71 -2.32
CA GLY A 325 -0.61 14.25 -2.89
C GLY A 325 -0.15 13.60 -4.18
N PHE A 326 0.25 14.45 -5.14
CA PHE A 326 0.76 14.00 -6.40
C PHE A 326 1.81 14.88 -6.96
N ALA A 327 3.03 14.39 -6.94
CA ALA A 327 4.09 15.04 -7.67
C ALA A 327 5.14 14.03 -8.10
N LEU A 328 6.17 14.47 -8.80
CA LEU A 328 7.19 13.57 -9.18
C LEU A 328 8.14 13.31 -8.03
N ALA A 329 9.26 12.61 -8.24
CA ALA A 329 10.20 12.29 -7.12
C ALA A 329 11.71 12.63 -7.29
N LYS A 330 12.44 12.89 -6.21
CA LYS A 330 13.87 13.32 -6.28
C LYS A 330 15.03 12.27 -6.45
N VAL B 2 1.09 -9.92 -5.37
CA VAL B 2 0.71 -9.21 -4.15
C VAL B 2 -0.31 -8.16 -4.38
N VAL B 3 -1.55 -8.59 -4.31
CA VAL B 3 -2.69 -7.70 -4.48
C VAL B 3 -3.32 -7.66 -3.12
N ALA B 5 -8.53 -4.55 -2.31
CA ALA B 5 -9.90 -4.12 -1.99
C ALA B 5 -10.83 -4.97 -2.81
#